data_1ELA
#
_entry.id   1ELA
#
_cell.length_a   52.370
_cell.length_b   57.710
_cell.length_c   75.430
_cell.angle_alpha   90.00
_cell.angle_beta   90.00
_cell.angle_gamma   90.00
#
_symmetry.space_group_name_H-M   'P 21 21 21'
#
loop_
_entity.id
_entity.type
_entity.pdbx_description
1 polymer ELASTASE
2 non-polymer 6-ammonio-N-(trifluoroacetyl)-L-norleucyl-N-[4-(1-methylethyl)phenyl]-L-prolinamide
3 non-polymer 'CALCIUM ION'
4 non-polymer 'SULFATE ION'
5 non-polymer 'ACETIC ACID'
6 water water
#
_entity_poly.entity_id   1
_entity_poly.type   'polypeptide(L)'
_entity_poly.pdbx_seq_one_letter_code
;VVGGTEAQRNSWPSQISLQYRSGSSWAHTCGGTLIRQNWVMTAAHCVDRELTFRVVVGEHNLNQNNGTEQYVGVQKIVVH
PYWNTDDVAAGYDIALLRLAQSVTLNSYVQLGVLPRAGTILANNSPCYITGWGLTRTNGQLAQTLQQAYLPTVDYAICSS
SSYWGSTVKNSMVCAGGDGVRSGCQGDSGGPLHCLVNGQYAVHGVTSFVSRLGCNVTRKPTVFTRVSAYISWINNVIASN
;
_entity_poly.pdbx_strand_id   A
#
# COMPACT_ATOMS: atom_id res chain seq x y z
N VAL A 1 1.18 -4.63 9.95
CA VAL A 1 2.06 -3.61 10.50
C VAL A 1 2.61 -4.14 11.83
N VAL A 2 3.94 -4.24 11.95
CA VAL A 2 4.57 -4.63 13.18
C VAL A 2 4.83 -3.34 13.99
N GLY A 3 4.66 -3.39 15.31
CA GLY A 3 4.89 -2.23 16.17
C GLY A 3 3.95 -1.08 15.86
N GLY A 4 2.74 -1.31 15.42
CA GLY A 4 1.81 -0.25 15.13
C GLY A 4 0.92 0.07 16.32
N THR A 5 -0.09 0.90 16.09
CA THR A 5 -1.10 1.24 17.05
C THR A 5 -2.37 1.27 16.23
N GLU A 6 -3.53 1.10 16.85
CA GLU A 6 -4.79 1.09 16.14
C GLU A 6 -5.09 2.51 15.66
N ALA A 7 -5.52 2.64 14.39
CA ALA A 7 -5.91 3.92 13.80
C ALA A 7 -7.37 4.28 14.13
N GLN A 8 -7.71 5.58 14.18
CA GLN A 8 -9.09 6.01 14.35
C GLN A 8 -9.85 5.72 13.07
N ARG A 9 -11.18 5.58 13.06
CA ARG A 9 -11.94 5.14 11.89
C ARG A 9 -11.87 6.06 10.70
N ASN A 10 -11.61 7.31 10.99
CA ASN A 10 -11.68 8.31 9.96
C ASN A 10 -10.34 8.92 9.60
N SER A 11 -9.27 8.39 10.17
CA SER A 11 -7.97 8.98 9.92
C SER A 11 -7.46 8.76 8.51
N TRP A 12 -7.70 7.59 7.90
CA TRP A 12 -7.07 7.29 6.62
C TRP A 12 -8.13 6.79 5.65
N PRO A 13 -9.05 7.68 5.22
CA PRO A 13 -10.25 7.28 4.49
C PRO A 13 -10.07 6.78 3.05
N SER A 14 -8.84 6.84 2.51
CA SER A 14 -8.54 6.32 1.18
C SER A 14 -8.03 4.87 1.26
N GLN A 15 -7.71 4.37 2.46
CA GLN A 15 -7.31 2.98 2.63
C GLN A 15 -8.40 1.97 2.22
N ILE A 16 -8.09 0.96 1.39
CA ILE A 16 -9.06 -0.08 1.10
C ILE A 16 -8.45 -1.44 1.46
N SER A 17 -9.33 -2.43 1.62
CA SER A 17 -8.97 -3.82 1.79
C SER A 17 -9.32 -4.52 0.46
N LEU A 18 -8.30 -5.19 -0.08
CA LEU A 18 -8.42 -6.02 -1.29
C LEU A 18 -8.59 -7.46 -0.80
N GLN A 19 -9.71 -8.11 -1.12
CA GLN A 19 -10.05 -9.44 -0.63
C GLN A 19 -10.32 -10.40 -1.76
N TYR A 20 -10.06 -11.68 -1.60
CA TYR A 20 -10.41 -12.64 -2.63
C TYR A 20 -11.39 -13.66 -2.06
N ARG A 21 -12.17 -14.28 -2.93
CA ARG A 21 -13.16 -15.23 -2.50
C ARG A 21 -12.51 -16.54 -2.12
N SER A 22 -12.78 -16.98 -0.91
CA SER A 22 -12.17 -18.18 -0.35
C SER A 22 -13.36 -19.01 0.16
N GLY A 23 -13.74 -20.02 -0.65
CA GLY A 23 -14.90 -20.86 -0.38
C GLY A 23 -16.20 -20.07 -0.54
N SER A 24 -16.87 -19.93 0.62
CA SER A 24 -18.08 -19.11 0.74
C SER A 24 -17.78 -17.74 1.38
N SER A 25 -16.55 -17.57 1.87
CA SER A 25 -16.16 -16.34 2.49
C SER A 25 -15.23 -15.52 1.61
N TRP A 26 -14.73 -14.42 2.19
CA TRP A 26 -13.82 -13.48 1.56
C TRP A 26 -12.65 -13.31 2.48
N ALA A 27 -11.44 -13.38 2.00
CA ALA A 27 -10.28 -13.21 2.83
C ALA A 27 -9.46 -11.98 2.43
N HIS A 28 -9.00 -11.18 3.41
CA HIS A 28 -8.12 -10.03 3.14
C HIS A 28 -6.77 -10.53 2.65
N THR A 29 -6.30 -9.99 1.51
CA THR A 29 -4.92 -10.31 1.09
C THR A 29 -3.97 -9.10 1.02
N CYS A 30 -4.52 -7.92 0.68
CA CYS A 30 -3.69 -6.75 0.42
C CYS A 30 -4.40 -5.44 0.74
N GLY A 31 -3.58 -4.39 0.94
CA GLY A 31 -4.13 -3.06 1.06
C GLY A 31 -4.26 -2.41 -0.34
N GLY A 32 -4.73 -1.17 -0.40
CA GLY A 32 -4.80 -0.40 -1.62
C GLY A 32 -5.19 1.04 -1.29
N THR A 33 -5.20 1.93 -2.26
CA THR A 33 -5.59 3.33 -2.06
C THR A 33 -6.67 3.69 -3.07
N LEU A 34 -7.85 4.20 -2.68
CA LEU A 34 -8.88 4.64 -3.61
C LEU A 34 -8.36 5.93 -4.26
N ILE A 35 -8.23 6.01 -5.59
CA ILE A 35 -7.69 7.21 -6.23
C ILE A 35 -8.71 7.89 -7.10
N ARG A 36 -9.76 7.19 -7.48
CA ARG A 36 -10.92 7.78 -8.15
C ARG A 36 -12.11 7.05 -7.56
N GLN A 37 -13.36 7.48 -7.76
CA GLN A 37 -14.49 6.74 -7.23
C GLN A 37 -14.64 5.31 -7.75
N ASN A 38 -14.01 5.04 -8.91
CA ASN A 38 -14.07 3.72 -9.53
C ASN A 38 -12.70 3.17 -9.87
N TRP A 39 -11.63 3.69 -9.24
CA TRP A 39 -10.26 3.20 -9.44
C TRP A 39 -9.51 3.13 -8.11
N VAL A 40 -8.83 1.98 -7.94
CA VAL A 40 -7.95 1.67 -6.81
C VAL A 40 -6.51 1.45 -7.29
N MET A 41 -5.53 1.95 -6.57
CA MET A 41 -4.13 1.67 -6.80
C MET A 41 -3.64 0.64 -5.79
N THR A 42 -2.92 -0.42 -6.21
CA THR A 42 -2.39 -1.43 -5.29
C THR A 42 -1.06 -1.95 -5.86
N ALA A 43 -0.46 -3.02 -5.32
CA ALA A 43 0.78 -3.58 -5.81
C ALA A 43 0.40 -4.62 -6.87
N ALA A 44 1.23 -4.72 -7.92
CA ALA A 44 0.99 -5.72 -8.94
C ALA A 44 1.18 -7.13 -8.37
N HIS A 45 2.07 -7.39 -7.41
CA HIS A 45 2.21 -8.75 -6.88
C HIS A 45 0.97 -9.29 -6.13
N CYS A 46 0.05 -8.42 -5.73
CA CYS A 46 -1.19 -8.77 -5.03
C CYS A 46 -2.21 -9.41 -5.98
N VAL A 47 -2.15 -9.09 -7.29
CA VAL A 47 -3.05 -9.65 -8.28
C VAL A 47 -2.35 -10.59 -9.26
N ASP A 48 -1.20 -11.14 -8.88
CA ASP A 48 -0.56 -12.15 -9.70
C ASP A 48 -1.40 -13.42 -9.81
N ARG A 49 -2.03 -13.88 -8.72
CA ARG A 49 -2.96 -15.01 -8.80
C ARG A 49 -4.27 -14.60 -9.44
N GLU A 50 -4.83 -15.49 -10.28
CA GLU A 50 -6.05 -15.18 -10.96
C GLU A 50 -7.22 -15.63 -10.11
N LEU A 51 -7.50 -14.78 -9.11
CA LEU A 51 -8.55 -15.02 -8.15
C LEU A 51 -9.70 -14.05 -8.39
N THR A 52 -10.81 -14.32 -7.70
CA THR A 52 -11.95 -13.41 -7.71
C THR A 52 -11.69 -12.37 -6.62
N PHE A 53 -11.61 -11.09 -7.02
CA PHE A 53 -11.28 -10.05 -6.06
C PHE A 53 -12.43 -9.10 -5.85
N ARG A 54 -12.50 -8.57 -4.63
CA ARG A 54 -13.39 -7.47 -4.34
C ARG A 54 -12.63 -6.44 -3.51
N VAL A 55 -13.18 -5.24 -3.49
CA VAL A 55 -12.63 -4.13 -2.74
C VAL A 55 -13.64 -3.75 -1.67
N VAL A 56 -13.17 -3.50 -0.46
CA VAL A 56 -14.00 -2.94 0.61
C VAL A 56 -13.50 -1.55 0.96
N VAL A 57 -14.37 -0.54 0.80
CA VAL A 57 -14.03 0.81 1.25
C VAL A 57 -14.80 1.10 2.56
N GLY A 58 -14.28 2.02 3.36
CA GLY A 58 -14.91 2.41 4.62
C GLY A 58 -14.76 1.33 5.66
N GLU A 59 -13.69 0.55 5.51
CA GLU A 59 -13.45 -0.54 6.40
C GLU A 59 -12.55 -0.15 7.54
N HIS A 60 -12.87 -0.71 8.74
CA HIS A 60 -12.05 -0.51 9.91
C HIS A 60 -11.75 -1.85 10.62
N ASN A 61 -12.74 -2.69 10.96
CA ASN A 61 -12.51 -3.96 11.64
C ASN A 61 -12.86 -5.03 10.63
N LEU A 62 -11.92 -5.88 10.23
CA LEU A 62 -12.21 -6.90 9.24
C LEU A 62 -13.30 -7.89 9.62
N ASN A 63 -13.37 -8.19 10.91
CA ASN A 63 -14.22 -9.24 11.42
C ASN A 63 -15.52 -8.82 12.04
N GLN A 64 -15.91 -7.53 11.98
CA GLN A 64 -17.21 -7.14 12.53
C GLN A 64 -17.81 -5.98 11.78
N ASN A 65 -19.15 -5.87 11.70
CA ASN A 65 -19.77 -4.78 10.99
C ASN A 65 -19.52 -3.40 11.64
N ASN A 66 -18.98 -2.48 10.82
CA ASN A 66 -18.68 -1.14 11.26
C ASN A 66 -19.84 -0.20 10.91
N GLY A 67 -20.73 -0.59 10.00
CA GLY A 67 -21.81 0.26 9.56
C GLY A 67 -21.35 1.29 8.54
N THR A 68 -20.12 1.23 8.01
CA THR A 68 -19.58 2.21 7.07
C THR A 68 -19.03 1.59 5.76
N GLU A 69 -19.08 0.25 5.60
CA GLU A 69 -18.45 -0.44 4.49
C GLU A 69 -19.26 -0.36 3.23
N GLN A 70 -18.55 -0.31 2.09
CA GLN A 70 -19.19 -0.46 0.79
C GLN A 70 -18.34 -1.52 0.11
N TYR A 71 -19.00 -2.46 -0.55
CA TYR A 71 -18.36 -3.66 -1.14
C TYR A 71 -18.60 -3.62 -2.64
N VAL A 72 -17.51 -3.62 -3.40
CA VAL A 72 -17.63 -3.52 -4.86
C VAL A 72 -16.66 -4.46 -5.56
N GLY A 73 -17.12 -5.06 -6.65
CA GLY A 73 -16.32 -5.99 -7.44
C GLY A 73 -15.25 -5.31 -8.29
N VAL A 74 -14.17 -6.05 -8.57
CA VAL A 74 -13.13 -5.57 -9.46
C VAL A 74 -13.56 -6.00 -10.86
N GLN A 75 -13.70 -5.02 -11.75
CA GLN A 75 -14.07 -5.29 -13.10
C GLN A 75 -12.89 -5.39 -14.08
N LYS A 76 -11.77 -4.70 -13.89
CA LYS A 76 -10.68 -4.75 -14.85
C LYS A 76 -9.41 -4.54 -14.09
N ILE A 77 -8.36 -5.34 -14.31
CA ILE A 77 -7.07 -5.13 -13.67
C ILE A 77 -6.01 -4.70 -14.70
N VAL A 78 -5.25 -3.61 -14.45
CA VAL A 78 -4.24 -3.11 -15.39
C VAL A 78 -2.95 -3.12 -14.61
N VAL A 79 -2.03 -4.08 -14.81
CA VAL A 79 -0.79 -4.01 -14.05
C VAL A 79 0.21 -3.38 -14.98
N HIS A 80 1.27 -2.82 -14.40
CA HIS A 80 2.26 -2.14 -15.16
C HIS A 80 2.89 -3.11 -16.19
N PRO A 81 3.00 -2.71 -17.48
CA PRO A 81 3.60 -3.50 -18.57
C PRO A 81 4.96 -4.12 -18.30
N TYR A 82 5.78 -3.48 -17.47
CA TYR A 82 7.09 -3.95 -17.11
C TYR A 82 7.19 -4.79 -15.84
N TRP A 83 6.07 -5.07 -15.13
CA TRP A 83 6.10 -5.87 -13.90
C TRP A 83 6.56 -7.28 -14.22
N ASN A 84 7.49 -7.80 -13.43
CA ASN A 84 7.93 -9.17 -13.59
C ASN A 84 7.84 -9.83 -12.22
N THR A 85 6.93 -10.80 -12.06
CA THR A 85 6.75 -11.55 -10.80
C THR A 85 8.00 -12.18 -10.17
N ASP A 86 8.89 -12.63 -11.08
CA ASP A 86 10.15 -13.27 -10.72
C ASP A 86 11.23 -12.28 -10.28
N ASP A 87 10.93 -10.98 -10.36
CA ASP A 87 11.85 -10.00 -9.87
C ASP A 87 11.12 -8.76 -9.31
N VAL A 88 10.63 -8.83 -8.05
CA VAL A 88 10.04 -7.65 -7.42
C VAL A 88 11.13 -6.57 -7.24
N ALA A 89 12.43 -6.93 -7.16
CA ALA A 89 13.51 -5.96 -6.96
C ALA A 89 13.81 -5.10 -8.20
N ALA A 90 13.31 -5.53 -9.37
CA ALA A 90 13.36 -4.68 -10.54
C ALA A 90 12.37 -3.49 -10.45
N GLY A 91 11.35 -3.49 -9.59
CA GLY A 91 10.40 -2.40 -9.51
C GLY A 91 9.15 -2.72 -10.25
N TYR A 92 8.44 -1.64 -10.60
CA TYR A 92 7.16 -1.64 -11.32
C TYR A 92 6.08 -2.41 -10.57
N ASP A 93 6.19 -2.50 -9.25
CA ASP A 93 5.16 -3.19 -8.49
C ASP A 93 3.98 -2.29 -8.20
N ILE A 94 3.11 -2.18 -9.23
CA ILE A 94 1.92 -1.35 -9.18
C ILE A 94 0.88 -1.79 -10.20
N ALA A 95 -0.39 -1.70 -9.79
CA ALA A 95 -1.50 -2.12 -10.61
C ALA A 95 -2.66 -1.22 -10.26
N LEU A 96 -3.57 -1.05 -11.22
CA LEU A 96 -4.76 -0.22 -11.07
C LEU A 96 -5.97 -1.11 -11.30
N LEU A 97 -6.99 -1.00 -10.43
CA LEU A 97 -8.18 -1.82 -10.53
C LEU A 97 -9.36 -0.91 -10.78
N ARG A 98 -10.03 -1.22 -11.89
CA ARG A 98 -11.28 -0.56 -12.20
C ARG A 98 -12.39 -1.30 -11.47
N LEU A 99 -13.20 -0.54 -10.71
CA LEU A 99 -14.27 -1.08 -9.92
C LEU A 99 -15.53 -1.20 -10.72
N ALA A 100 -16.37 -2.17 -10.35
CA ALA A 100 -17.60 -2.46 -11.06
C ALA A 100 -18.57 -1.30 -10.93
N GLN A 101 -18.54 -0.60 -9.80
CA GLN A 101 -19.36 0.59 -9.61
C GLN A 101 -18.50 1.67 -8.99
N SER A 102 -19.03 2.90 -9.09
CA SER A 102 -18.49 4.04 -8.38
C SER A 102 -18.90 4.00 -6.91
N VAL A 103 -17.96 4.08 -5.98
CA VAL A 103 -18.29 4.15 -4.57
C VAL A 103 -18.75 5.57 -4.18
N THR A 104 -19.53 5.72 -3.10
CA THR A 104 -19.97 7.01 -2.59
C THR A 104 -18.97 7.54 -1.58
N LEU A 105 -18.60 8.81 -1.74
CA LEU A 105 -17.68 9.39 -0.83
C LEU A 105 -18.44 9.98 0.35
N ASN A 106 -17.83 9.88 1.52
CA ASN A 106 -18.35 10.43 2.78
C ASN A 106 -17.19 10.56 3.75
N SER A 107 -17.31 10.71 5.10
CA SER A 107 -16.11 10.89 5.93
C SER A 107 -15.27 9.63 6.15
N TYR A 108 -15.77 8.49 5.71
CA TYR A 108 -15.04 7.23 5.79
C TYR A 108 -14.44 6.80 4.46
N VAL A 109 -14.83 7.42 3.34
CA VAL A 109 -14.45 7.03 2.00
C VAL A 109 -14.04 8.28 1.24
N GLN A 110 -12.75 8.50 1.06
CA GLN A 110 -12.26 9.69 0.34
C GLN A 110 -11.14 9.27 -0.58
N LEU A 111 -10.87 10.08 -1.59
CA LEU A 111 -9.77 9.76 -2.47
C LEU A 111 -8.43 10.13 -1.85
N GLY A 112 -7.44 9.31 -2.18
CA GLY A 112 -6.08 9.55 -1.80
C GLY A 112 -5.49 10.66 -2.67
N VAL A 113 -4.64 11.50 -2.08
CA VAL A 113 -4.01 12.64 -2.75
C VAL A 113 -2.70 12.07 -3.27
N LEU A 114 -2.39 12.14 -4.57
CA LEU A 114 -1.14 11.66 -5.12
C LEU A 114 -0.08 12.76 -5.21
N PRO A 115 1.21 12.50 -5.03
CA PRO A 115 2.28 13.49 -5.19
C PRO A 115 2.42 14.00 -6.62
N ARG A 116 3.08 15.14 -6.78
CA ARG A 116 3.44 15.62 -8.13
C ARG A 116 4.53 14.70 -8.66
N ALA A 117 4.49 14.46 -9.99
CA ALA A 117 5.50 13.66 -10.69
C ALA A 117 6.91 14.07 -10.35
N GLY A 118 7.79 13.12 -10.07
CA GLY A 118 9.19 13.39 -9.82
C GLY A 118 9.57 13.74 -8.40
N THR A 119 8.58 13.95 -7.52
CA THR A 119 8.85 14.36 -6.15
C THR A 119 9.63 13.32 -5.37
N ILE A 120 10.74 13.76 -4.78
CA ILE A 120 11.57 12.93 -3.92
C ILE A 120 11.57 13.59 -2.53
N LEU A 121 11.35 12.75 -1.50
CA LEU A 121 11.31 13.20 -0.13
C LEU A 121 12.71 13.23 0.43
N ALA A 122 12.93 14.22 1.27
CA ALA A 122 14.22 14.35 1.92
C ALA A 122 14.32 13.21 2.94
N ASN A 123 15.54 12.81 3.31
CA ASN A 123 15.75 11.77 4.28
C ASN A 123 15.03 12.15 5.57
N ASN A 124 14.57 11.07 6.18
CA ASN A 124 13.83 11.12 7.42
C ASN A 124 12.56 11.94 7.37
N SER A 125 11.84 11.99 6.26
CA SER A 125 10.55 12.65 6.20
C SER A 125 9.50 11.85 6.95
N PRO A 126 8.58 12.50 7.69
CA PRO A 126 7.52 11.88 8.47
C PRO A 126 6.46 11.25 7.61
N CYS A 127 6.33 9.93 7.73
CA CYS A 127 5.32 9.19 7.00
C CYS A 127 4.74 8.13 7.93
N TYR A 128 3.52 7.70 7.60
CA TYR A 128 2.80 6.66 8.30
C TYR A 128 2.49 5.51 7.36
N ILE A 129 2.67 4.27 7.80
CA ILE A 129 2.21 3.11 7.01
C ILE A 129 0.93 2.65 7.67
N THR A 130 -0.07 2.31 6.86
CA THR A 130 -1.31 1.76 7.40
C THR A 130 -1.67 0.41 6.80
N GLY A 131 -2.33 -0.51 7.54
CA GLY A 131 -2.79 -1.76 6.98
C GLY A 131 -3.27 -2.76 8.04
N TRP A 132 -3.85 -3.85 7.51
CA TRP A 132 -4.35 -4.97 8.31
C TRP A 132 -3.45 -6.20 8.28
N GLY A 133 -2.23 -6.03 7.79
CA GLY A 133 -1.27 -7.12 7.71
C GLY A 133 -0.79 -7.64 9.06
N LEU A 134 0.07 -8.66 9.00
CA LEU A 134 0.68 -9.29 10.16
C LEU A 134 1.30 -8.32 11.14
N THR A 135 0.93 -8.55 12.41
CA THR A 135 1.40 -7.69 13.48
C THR A 135 2.68 -8.18 14.10
N ARG A 136 3.15 -9.34 13.61
CA ARG A 136 4.45 -9.92 13.95
C ARG A 136 4.92 -10.70 12.75
N THR A 137 6.22 -10.91 12.64
CA THR A 137 6.79 -11.79 11.63
C THR A 137 6.21 -13.19 11.92
N ASN A 138 5.61 -13.79 10.88
CA ASN A 138 4.97 -15.11 10.98
C ASN A 138 3.84 -15.13 12.02
N GLY A 139 3.20 -13.97 12.25
CA GLY A 139 2.08 -13.80 13.18
C GLY A 139 0.75 -13.99 12.46
N GLN A 140 -0.20 -13.17 12.86
CA GLN A 140 -1.50 -13.13 12.25
C GLN A 140 -1.92 -11.70 11.86
N LEU A 141 -2.88 -11.57 10.95
CA LEU A 141 -3.45 -10.30 10.52
C LEU A 141 -4.04 -9.51 11.67
N ALA A 142 -4.04 -8.19 11.53
CA ALA A 142 -4.74 -7.35 12.49
C ALA A 142 -6.24 -7.41 12.21
N GLN A 143 -7.05 -7.27 13.25
CA GLN A 143 -8.49 -7.17 13.05
C GLN A 143 -8.88 -5.76 12.71
N THR A 144 -8.18 -4.84 13.36
CA THR A 144 -8.44 -3.43 13.17
C THR A 144 -7.27 -2.77 12.44
N LEU A 145 -7.56 -1.73 11.62
CA LEU A 145 -6.51 -0.98 10.89
C LEU A 145 -5.45 -0.42 11.84
N GLN A 146 -4.19 -0.73 11.51
CA GLN A 146 -3.02 -0.37 12.27
C GLN A 146 -2.25 0.72 11.56
N GLN A 147 -1.49 1.52 12.30
CA GLN A 147 -0.65 2.54 11.72
C GLN A 147 0.65 2.57 12.46
N ALA A 148 1.75 2.89 11.79
CA ALA A 148 3.04 3.01 12.46
C ALA A 148 3.81 4.17 11.82
N TYR A 149 4.56 4.93 12.64
CA TYR A 149 5.37 6.05 12.18
C TYR A 149 6.63 5.45 11.59
N LEU A 150 6.79 5.71 10.30
CA LEU A 150 7.83 5.14 9.48
C LEU A 150 8.49 6.25 8.65
N PRO A 151 9.50 6.93 9.18
CA PRO A 151 10.26 7.97 8.49
C PRO A 151 11.07 7.47 7.32
N THR A 152 11.16 8.25 6.23
CA THR A 152 11.84 7.74 5.04
C THR A 152 13.33 7.59 5.25
N VAL A 153 13.95 6.74 4.45
CA VAL A 153 15.39 6.54 4.47
C VAL A 153 15.66 6.85 3.00
N ASP A 154 16.46 7.88 2.68
CA ASP A 154 16.64 8.24 1.27
C ASP A 154 17.43 7.20 0.45
N TYR A 155 17.42 7.35 -0.87
CA TYR A 155 18.02 6.36 -1.73
C TYR A 155 19.48 6.07 -1.47
N ALA A 156 20.27 7.11 -1.22
CA ALA A 156 21.68 6.94 -0.93
C ALA A 156 21.99 6.05 0.27
N ILE A 157 21.20 6.16 1.35
CA ILE A 157 21.44 5.32 2.50
C ILE A 157 20.83 3.93 2.26
N CYS A 158 19.65 3.90 1.65
CA CYS A 158 18.93 2.63 1.50
C CYS A 158 19.60 1.69 0.50
N SER A 159 20.31 2.23 -0.50
CA SER A 159 21.03 1.41 -1.44
C SER A 159 22.47 1.18 -0.99
N SER A 160 22.87 1.58 0.21
CA SER A 160 24.19 1.28 0.69
C SER A 160 24.23 -0.19 1.12
N SER A 161 25.46 -0.72 1.24
CA SER A 161 25.72 -2.11 1.59
C SER A 161 25.08 -2.66 2.85
N SER A 162 25.05 -1.82 3.88
CA SER A 162 24.50 -2.14 5.20
C SER A 162 23.00 -2.30 5.24
N TYR A 163 22.33 -1.71 4.23
CA TYR A 163 20.88 -1.73 4.09
C TYR A 163 20.47 -2.67 2.99
N TRP A 164 19.84 -2.22 1.89
CA TRP A 164 19.35 -3.11 0.89
C TRP A 164 20.32 -3.26 -0.23
N GLY A 165 21.36 -2.44 -0.24
CA GLY A 165 22.31 -2.48 -1.33
C GLY A 165 21.60 -2.28 -2.67
N SER A 166 22.07 -3.10 -3.60
CA SER A 166 21.59 -3.07 -4.97
C SER A 166 20.14 -3.48 -5.23
N THR A 167 19.49 -4.12 -4.27
CA THR A 167 18.11 -4.55 -4.42
C THR A 167 17.17 -3.36 -4.52
N VAL A 168 17.45 -2.22 -3.88
CA VAL A 168 16.55 -1.08 -4.01
C VAL A 168 16.98 -0.17 -5.17
N LYS A 169 15.99 0.30 -5.89
CA LYS A 169 16.19 1.15 -7.04
C LYS A 169 15.65 2.53 -6.66
N ASN A 170 15.91 3.51 -7.53
CA ASN A 170 15.44 4.88 -7.36
C ASN A 170 13.95 5.07 -7.62
N SER A 171 13.30 4.07 -8.24
CA SER A 171 11.85 4.01 -8.41
C SER A 171 11.14 3.51 -7.14
N MET A 172 11.84 3.44 -6.02
CA MET A 172 11.31 2.97 -4.76
C MET A 172 11.60 3.94 -3.62
N VAL A 173 10.72 3.92 -2.61
CA VAL A 173 10.86 4.66 -1.34
C VAL A 173 11.15 3.65 -0.24
N CYS A 174 12.13 3.89 0.59
CA CYS A 174 12.38 3.07 1.76
C CYS A 174 11.89 3.84 2.98
N ALA A 175 11.28 3.19 3.99
CA ALA A 175 10.86 3.87 5.20
C ALA A 175 11.01 2.90 6.38
N GLY A 176 11.53 3.38 7.53
CA GLY A 176 11.65 2.57 8.73
C GLY A 176 13.01 1.96 8.89
N GLY A 177 13.05 0.68 9.20
CA GLY A 177 14.32 0.00 9.39
C GLY A 177 14.84 0.04 10.82
N ASP A 178 14.06 0.44 11.84
CA ASP A 178 14.57 0.50 13.21
C ASP A 178 14.58 -0.83 13.99
N GLY A 179 14.04 -1.91 13.41
CA GLY A 179 14.00 -3.21 14.06
C GLY A 179 12.76 -3.37 14.90
N VAL A 180 11.85 -2.41 14.93
CA VAL A 180 10.68 -2.41 15.81
C VAL A 180 9.37 -2.28 15.03
N ARG A 181 9.33 -1.32 14.12
CA ARG A 181 8.14 -0.99 13.36
C ARG A 181 8.39 -1.32 11.90
N SER A 182 7.39 -1.83 11.19
CA SER A 182 7.52 -2.11 9.76
C SER A 182 6.21 -2.54 9.15
N GLY A 183 6.17 -2.61 7.81
CA GLY A 183 5.07 -3.26 7.12
C GLY A 183 5.32 -4.75 7.26
N CYS A 184 4.35 -5.58 6.94
CA CYS A 184 4.50 -7.03 7.03
C CYS A 184 3.52 -7.62 6.05
N GLN A 185 3.54 -8.93 5.79
CA GLN A 185 2.63 -9.53 4.82
C GLN A 185 1.18 -9.19 5.05
N GLY A 186 0.47 -8.76 4.01
CA GLY A 186 -0.95 -8.38 4.07
C GLY A 186 -1.08 -6.86 4.03
N ASP A 187 0.03 -6.14 4.27
CA ASP A 187 0.10 -4.68 4.13
C ASP A 187 0.42 -4.25 2.68
N SER A 188 1.01 -5.16 1.88
CA SER A 188 1.32 -4.94 0.46
C SER A 188 0.23 -4.28 -0.31
N GLY A 189 0.60 -3.34 -1.17
CA GLY A 189 -0.37 -2.65 -2.00
C GLY A 189 -0.95 -1.39 -1.36
N GLY A 190 -0.82 -1.30 -0.02
CA GLY A 190 -1.41 -0.19 0.71
C GLY A 190 -0.53 1.04 0.68
N PRO A 191 -1.02 2.14 1.24
CA PRO A 191 -0.34 3.43 1.29
C PRO A 191 0.80 3.66 2.28
N LEU A 192 1.75 4.53 1.89
CA LEU A 192 2.71 5.16 2.81
C LEU A 192 2.24 6.62 2.64
N HIS A 193 1.71 7.17 3.74
CA HIS A 193 1.13 8.52 3.78
C HIS A 193 2.18 9.48 4.33
N CYS A 194 2.55 10.53 3.59
CA CYS A 194 3.60 11.46 4.01
C CYS A 194 3.09 12.89 4.00
N LEU A 195 3.44 13.67 5.03
CA LEU A 195 2.94 15.05 5.13
C LEU A 195 3.85 15.96 4.33
N VAL A 196 3.27 16.58 3.31
CA VAL A 196 3.95 17.48 2.40
C VAL A 196 3.02 18.69 2.27
N ASN A 197 3.54 19.87 2.64
CA ASN A 197 2.79 21.14 2.60
C ASN A 197 1.42 21.10 3.30
N GLY A 198 1.45 20.57 4.52
CA GLY A 198 0.27 20.48 5.36
C GLY A 198 -0.76 19.48 4.88
N GLN A 199 -0.42 18.60 3.95
CA GLN A 199 -1.37 17.66 3.39
C GLN A 199 -0.75 16.26 3.37
N TYR A 200 -1.46 15.20 3.81
CA TYR A 200 -0.94 13.85 3.69
C TYR A 200 -1.18 13.38 2.23
N ALA A 201 -0.12 12.94 1.58
CA ALA A 201 -0.25 12.39 0.25
C ALA A 201 0.35 10.99 0.28
N VAL A 202 -0.14 10.16 -0.63
CA VAL A 202 0.31 8.77 -0.78
C VAL A 202 1.53 8.71 -1.72
N HIS A 203 2.70 8.60 -1.12
CA HIS A 203 4.00 8.55 -1.77
C HIS A 203 4.51 7.14 -2.01
N GLY A 204 3.93 6.12 -1.35
CA GLY A 204 4.41 4.74 -1.54
C GLY A 204 3.27 3.73 -1.71
N VAL A 205 3.51 2.63 -2.43
CA VAL A 205 2.58 1.48 -2.49
C VAL A 205 3.44 0.39 -1.80
N THR A 206 3.00 -0.28 -0.73
CA THR A 206 3.91 -1.22 -0.02
C THR A 206 4.23 -2.40 -0.92
N SER A 207 5.53 -2.69 -1.03
CA SER A 207 6.02 -3.72 -1.95
C SER A 207 6.72 -4.88 -1.30
N PHE A 208 7.78 -4.69 -0.52
CA PHE A 208 8.43 -5.82 0.12
C PHE A 208 9.19 -5.50 1.38
N VAL A 209 9.46 -6.60 2.09
CA VAL A 209 10.27 -6.65 3.28
C VAL A 209 11.30 -7.76 3.11
N SER A 210 12.22 -7.81 4.04
CA SER A 210 13.26 -8.83 4.10
C SER A 210 12.63 -10.19 4.20
N ARG A 211 13.28 -11.16 3.58
CA ARG A 211 12.78 -12.50 3.71
C ARG A 211 13.16 -13.05 5.06
N LEU A 212 14.09 -12.41 5.79
CA LEU A 212 14.46 -12.79 7.14
C LEU A 212 13.41 -12.35 8.18
N GLY A 213 12.45 -11.49 7.83
CA GLY A 213 11.45 -11.01 8.76
C GLY A 213 10.97 -9.61 8.42
N CYS A 214 9.85 -9.23 8.99
CA CYS A 214 9.30 -7.93 8.70
C CYS A 214 10.04 -6.78 9.36
N ASN A 215 10.27 -6.74 10.67
CA ASN A 215 11.00 -5.68 11.36
C ASN A 215 12.42 -6.12 11.57
N VAL A 216 13.23 -5.76 10.61
CA VAL A 216 14.64 -6.11 10.65
C VAL A 216 15.42 -4.80 10.58
N THR A 217 16.34 -4.66 11.53
CA THR A 217 17.21 -3.50 11.61
C THR A 217 18.02 -3.40 10.31
N ARG A 218 17.90 -2.19 9.73
CA ARG A 218 18.58 -1.82 8.48
C ARG A 218 18.05 -2.51 7.23
N LYS A 219 16.83 -3.02 7.34
CA LYS A 219 16.09 -3.48 6.18
C LYS A 219 14.76 -2.79 6.29
N PRO A 220 14.67 -1.50 5.95
CA PRO A 220 13.41 -0.80 5.87
C PRO A 220 12.42 -1.42 4.93
N THR A 221 11.14 -1.09 5.19
CA THR A 221 10.08 -1.54 4.31
C THR A 221 10.26 -0.73 3.01
N VAL A 222 10.02 -1.41 1.88
CA VAL A 222 10.26 -0.81 0.57
C VAL A 222 8.94 -0.69 -0.11
N PHE A 223 8.81 0.49 -0.76
CA PHE A 223 7.59 0.90 -1.39
C PHE A 223 7.87 1.30 -2.83
N THR A 224 6.89 1.07 -3.70
CA THR A 224 6.95 1.59 -5.06
C THR A 224 6.81 3.11 -4.91
N ARG A 225 7.69 3.91 -5.56
CA ARG A 225 7.56 5.37 -5.51
C ARG A 225 6.51 5.84 -6.48
N VAL A 226 5.34 6.26 -5.93
CA VAL A 226 4.17 6.65 -6.69
C VAL A 226 4.48 7.82 -7.65
N SER A 227 5.31 8.76 -7.21
CA SER A 227 5.64 9.92 -8.03
C SER A 227 6.45 9.54 -9.28
N ALA A 228 7.00 8.33 -9.36
CA ALA A 228 7.63 7.85 -10.57
C ALA A 228 6.61 7.32 -11.56
N TYR A 229 5.30 7.22 -11.24
CA TYR A 229 4.29 6.62 -12.11
C TYR A 229 3.08 7.47 -12.40
N ILE A 230 3.16 8.77 -12.12
CA ILE A 230 2.03 9.68 -12.30
C ILE A 230 1.53 9.72 -13.73
N SER A 231 2.43 9.75 -14.73
CA SER A 231 1.99 9.77 -16.12
C SER A 231 1.29 8.49 -16.51
N TRP A 232 1.83 7.35 -16.08
CA TRP A 232 1.23 6.06 -16.39
C TRP A 232 -0.17 5.98 -15.78
N ILE A 233 -0.32 6.39 -14.50
CA ILE A 233 -1.61 6.33 -13.79
C ILE A 233 -2.63 7.15 -14.55
N ASN A 234 -2.28 8.38 -14.87
CA ASN A 234 -3.20 9.22 -15.59
C ASN A 234 -3.57 8.75 -16.98
N ASN A 235 -2.63 8.12 -17.70
CA ASN A 235 -2.87 7.57 -19.04
C ASN A 235 -3.78 6.35 -19.01
N VAL A 236 -3.70 5.56 -17.95
CA VAL A 236 -4.60 4.42 -17.80
C VAL A 236 -6.00 4.92 -17.44
N ILE A 237 -6.16 5.90 -16.52
CA ILE A 237 -7.49 6.38 -16.10
C ILE A 237 -8.25 7.01 -17.28
N ALA A 238 -7.54 7.88 -18.01
CA ALA A 238 -8.05 8.57 -19.18
C ALA A 238 -8.38 7.66 -20.37
N SER A 239 -7.92 6.41 -20.43
CA SER A 239 -8.32 5.54 -21.52
C SER A 239 -9.22 4.35 -21.17
N ASN A 240 -9.49 4.01 -19.88
CA ASN A 240 -10.31 2.84 -19.53
C ASN A 240 -11.68 3.17 -18.95
#